data_4IW8
#
_entry.id   4IW8
#
_cell.length_a   54.170
_cell.length_b   81.094
_cell.length_c   58.119
_cell.angle_alpha   90.00
_cell.angle_beta   109.49
_cell.angle_gamma   90.00
#
_symmetry.space_group_name_H-M   'P 1 21 1'
#
loop_
_entity.id
_entity.type
_entity.pdbx_description
1 polymer 'Estrogen receptor'
2 polymer 'Nuclear receptor coactivator 2'
3 non-polymer 4-[1-(3-methylbut-2-en-1-yl)-7-(trifluoromethyl)-1H-indazol-3-yl]benzene-1,3-diol
4 water water
#
loop_
_entity_poly.entity_id
_entity_poly.type
_entity_poly.pdbx_seq_one_letter_code
_entity_poly.pdbx_strand_id
1 'polypeptide(L)'
;KNSLALSLTADQMVSALLDAEPPILYSEYDPTRPFSEASMMGLLTNLADRELVHMINWAKRVPGFVDLTLHDQVHLLECA
WLEILMIGLVWRSMEHPGKLLFAPNLLLDRNQGKCVEGMVEIFDMLLATSSRFRMMNLQGEEFVCLKSIILLNSGVYTFL
SSTLKSLEEKDHIHRVLDKITDTLIHLMAKAGLTLQQQHQRLAQLLLILSHIRHMSNKGMEHLYSMKCKNVVPLSDLLLE
MLDAHRL
;
A,B
2 'polypeptide(L)' HKILHRLLQD C,D
#
loop_
_chem_comp.id
_chem_comp.type
_chem_comp.name
_chem_comp.formula
KN3 non-polymer 4-[1-(3-methylbut-2-en-1-yl)-7-(trifluoromethyl)-1H-indazol-3-yl]benzene-1,3-diol 'C19 H17 F3 N2 O2'
#
# COMPACT_ATOMS: atom_id res chain seq x y z
N SER A 3 -24.32 15.84 5.51
CA SER A 3 -23.86 16.21 4.17
C SER A 3 -24.34 15.23 3.10
N LEU A 4 -23.87 15.45 1.88
CA LEU A 4 -24.38 14.74 0.71
C LEU A 4 -23.77 13.35 0.52
N ALA A 5 -22.48 13.22 0.82
CA ALA A 5 -21.76 11.96 0.60
C ALA A 5 -22.41 10.78 1.33
N LEU A 6 -22.87 11.01 2.56
CA LEU A 6 -23.45 9.95 3.36
C LEU A 6 -24.87 9.60 2.94
N SER A 7 -25.56 10.55 2.32
CA SER A 7 -26.96 10.35 1.96
C SER A 7 -27.13 9.80 0.55
N LEU A 8 -26.02 9.68 -0.18
CA LEU A 8 -26.08 9.23 -1.56
C LEU A 8 -26.25 7.72 -1.69
N THR A 9 -27.12 7.30 -2.61
CA THR A 9 -27.29 5.89 -2.91
C THR A 9 -26.10 5.39 -3.71
N ALA A 10 -26.02 4.08 -3.90
CA ALA A 10 -24.92 3.48 -4.64
C ALA A 10 -24.85 4.03 -6.07
N ASP A 11 -25.99 4.01 -6.76
CA ASP A 11 -26.06 4.48 -8.14
C ASP A 11 -25.76 5.98 -8.26
N GLN A 12 -26.19 6.74 -7.27
CA GLN A 12 -25.91 8.17 -7.24
C GLN A 12 -24.42 8.42 -7.06
N MET A 13 -23.80 7.63 -6.18
CA MET A 13 -22.37 7.73 -5.95
C MET A 13 -21.60 7.45 -7.23
N VAL A 14 -22.04 6.42 -7.96
CA VAL A 14 -21.38 6.03 -9.20
C VAL A 14 -21.51 7.10 -10.29
N SER A 15 -22.73 7.62 -10.46
CA SER A 15 -22.98 8.65 -11.45
CA SER A 15 -22.98 8.65 -11.45
C SER A 15 -22.20 9.93 -11.13
N ALA A 16 -22.16 10.28 -9.85
CA ALA A 16 -21.43 11.46 -9.42
C ALA A 16 -19.95 11.33 -9.73
N LEU A 17 -19.40 10.15 -9.47
CA LEU A 17 -17.99 9.89 -9.75
C LEU A 17 -17.69 9.87 -11.25
N LEU A 18 -18.57 9.23 -12.01
CA LEU A 18 -18.39 9.14 -13.47
C LEU A 18 -18.39 10.51 -14.12
N ASP A 19 -19.22 11.42 -13.61
CA ASP A 19 -19.31 12.78 -14.13
C ASP A 19 -18.10 13.62 -13.71
N ALA A 20 -17.49 13.26 -12.59
CA ALA A 20 -16.34 13.99 -12.06
C ALA A 20 -15.04 13.61 -12.76
N GLU A 21 -15.13 12.60 -13.63
CA GLU A 21 -13.95 12.12 -14.35
C GLU A 21 -13.21 13.24 -15.08
N PRO A 22 -11.89 13.28 -14.91
CA PRO A 22 -11.04 14.25 -15.59
C PRO A 22 -10.84 13.88 -17.05
N PRO A 23 -10.47 14.86 -17.89
CA PRO A 23 -10.23 14.59 -19.32
C PRO A 23 -8.91 13.86 -19.52
N ILE A 24 -8.77 13.19 -20.66
CA ILE A 24 -7.50 12.57 -21.02
C ILE A 24 -6.67 13.55 -21.83
N LEU A 25 -5.59 14.05 -21.24
CA LEU A 25 -4.75 15.04 -21.88
C LEU A 25 -3.79 14.41 -22.87
N TYR A 26 -3.28 15.23 -23.80
CA TYR A 26 -2.27 14.78 -24.74
C TYR A 26 -0.89 15.18 -24.24
N SER A 27 0.12 14.41 -24.63
CA SER A 27 1.50 14.79 -24.36
C SER A 27 1.96 15.70 -25.48
N GLU A 28 3.21 16.14 -25.41
CA GLU A 28 3.78 16.94 -26.48
C GLU A 28 4.73 16.10 -27.30
N TYR A 29 4.57 14.78 -27.20
CA TYR A 29 5.39 13.84 -27.95
C TYR A 29 5.33 14.13 -29.46
N ASP A 30 6.48 14.04 -30.11
CA ASP A 30 6.60 14.27 -31.53
C ASP A 30 7.54 13.25 -32.13
N PRO A 31 7.00 12.34 -32.97
CA PRO A 31 7.80 11.25 -33.54
C PRO A 31 8.93 11.75 -34.44
N THR A 32 8.79 12.96 -34.97
CA THR A 32 9.81 13.54 -35.83
C THR A 32 10.97 14.09 -35.02
N ARG A 33 10.75 14.25 -33.71
CA ARG A 33 11.81 14.72 -32.83
C ARG A 33 12.58 13.54 -32.24
N PRO A 34 13.89 13.75 -32.01
CA PRO A 34 14.79 12.73 -31.47
C PRO A 34 14.33 12.28 -30.09
N PHE A 35 14.40 13.19 -29.12
CA PHE A 35 14.03 12.90 -27.75
C PHE A 35 15.05 11.96 -27.12
N SER A 36 15.70 12.41 -26.05
CA SER A 36 16.63 11.58 -25.30
C SER A 36 15.84 10.47 -24.63
N GLU A 37 16.04 10.34 -23.32
CA GLU A 37 15.17 9.50 -22.50
C GLU A 37 14.78 10.34 -21.29
N ALA A 38 15.50 11.43 -21.10
CA ALA A 38 15.07 12.48 -20.19
C ALA A 38 14.02 13.30 -20.95
N SER A 39 13.88 12.99 -22.23
CA SER A 39 12.88 13.62 -23.09
C SER A 39 11.51 13.01 -22.81
N MET A 40 11.46 11.69 -22.74
CA MET A 40 10.22 10.98 -22.40
C MET A 40 9.74 11.42 -21.01
N MET A 41 10.67 11.45 -20.07
CA MET A 41 10.35 11.88 -18.71
C MET A 41 9.85 13.32 -18.69
N GLY A 42 10.44 14.15 -19.55
CA GLY A 42 9.98 15.52 -19.69
C GLY A 42 8.53 15.54 -20.13
N LEU A 43 8.20 14.69 -21.10
CA LEU A 43 6.83 14.57 -21.59
C LEU A 43 5.89 14.14 -20.46
N LEU A 44 6.34 13.20 -19.65
CA LEU A 44 5.51 12.63 -18.59
C LEU A 44 5.32 13.59 -17.41
N THR A 45 6.37 14.30 -17.04
CA THR A 45 6.27 15.28 -15.96
C THR A 45 5.46 16.49 -16.40
N ASN A 46 5.71 16.95 -17.62
CA ASN A 46 4.93 18.02 -18.21
C ASN A 46 3.46 17.62 -18.23
N LEU A 47 3.20 16.39 -18.63
CA LEU A 47 1.85 15.85 -18.71
C LEU A 47 1.20 15.77 -17.33
N ALA A 48 1.93 15.19 -16.38
CA ALA A 48 1.42 15.05 -15.02
C ALA A 48 1.08 16.41 -14.42
N ASP A 49 1.91 17.40 -14.71
CA ASP A 49 1.70 18.76 -14.22
C ASP A 49 0.35 19.31 -14.69
N ARG A 50 0.06 19.12 -15.96
CA ARG A 50 -1.21 19.58 -16.53
C ARG A 50 -2.39 18.79 -15.99
N GLU A 51 -2.18 17.49 -15.79
CA GLU A 51 -3.23 16.63 -15.24
C GLU A 51 -3.61 17.02 -13.81
N LEU A 52 -2.62 17.50 -13.06
CA LEU A 52 -2.83 17.84 -11.65
C LEU A 52 -3.94 18.86 -11.44
N VAL A 53 -4.02 19.85 -12.32
CA VAL A 53 -5.07 20.86 -12.23
C VAL A 53 -6.43 20.20 -12.34
N HIS A 54 -6.55 19.27 -13.29
CA HIS A 54 -7.80 18.56 -13.51
C HIS A 54 -8.09 17.58 -12.38
N MET A 55 -7.03 17.05 -11.76
CA MET A 55 -7.19 16.15 -10.63
C MET A 55 -7.76 16.90 -9.44
N ILE A 56 -7.21 18.08 -9.16
CA ILE A 56 -7.71 18.93 -8.10
C ILE A 56 -9.19 19.19 -8.31
N ASN A 57 -9.58 19.40 -9.56
CA ASN A 57 -10.98 19.58 -9.92
C ASN A 57 -11.81 18.34 -9.63
N TRP A 58 -11.28 17.19 -10.04
CA TRP A 58 -11.93 15.91 -9.82
C TRP A 58 -12.09 15.60 -8.32
N ALA A 59 -11.07 15.94 -7.54
CA ALA A 59 -11.06 15.68 -6.12
C ALA A 59 -12.21 16.41 -5.40
N LYS A 60 -12.41 17.68 -5.74
CA LYS A 60 -13.44 18.49 -5.10
C LYS A 60 -14.84 17.98 -5.42
N ARG A 61 -14.95 17.06 -6.37
CA ARG A 61 -16.23 16.49 -6.75
C ARG A 61 -16.35 15.04 -6.26
N VAL A 62 -15.34 14.60 -5.52
CA VAL A 62 -15.39 13.30 -4.86
C VAL A 62 -16.22 13.46 -3.58
N PRO A 63 -17.37 12.78 -3.52
CA PRO A 63 -18.28 12.87 -2.38
C PRO A 63 -17.53 12.83 -1.05
N GLY A 64 -17.69 13.88 -0.25
CA GLY A 64 -17.09 13.94 1.07
C GLY A 64 -15.77 14.68 1.13
N PHE A 65 -15.16 14.91 -0.03
CA PHE A 65 -13.85 15.55 -0.08
C PHE A 65 -13.90 17.02 0.31
N VAL A 66 -14.96 17.71 -0.12
CA VAL A 66 -15.11 19.13 0.18
C VAL A 66 -15.44 19.38 1.65
N ASP A 67 -15.98 18.36 2.32
CA ASP A 67 -16.33 18.48 3.73
C ASP A 67 -15.08 18.67 4.59
N LEU A 68 -13.93 18.39 4.01
CA LEU A 68 -12.67 18.47 4.74
C LEU A 68 -12.09 19.89 4.73
N THR A 69 -11.23 20.17 5.70
CA THR A 69 -10.51 21.44 5.74
C THR A 69 -9.49 21.49 4.61
N LEU A 70 -9.20 22.69 4.12
CA LEU A 70 -8.24 22.86 3.03
C LEU A 70 -6.92 22.16 3.35
N HIS A 71 -6.51 22.21 4.61
CA HIS A 71 -5.26 21.60 5.04
C HIS A 71 -5.30 20.07 4.92
N ASP A 72 -6.47 19.49 5.14
CA ASP A 72 -6.63 18.04 4.99
C ASP A 72 -6.73 17.66 3.52
N GLN A 73 -7.44 18.47 2.73
CA GLN A 73 -7.54 18.25 1.30
C GLN A 73 -6.17 18.33 0.65
N VAL A 74 -5.38 19.33 1.07
CA VAL A 74 -4.02 19.49 0.58
C VAL A 74 -3.20 18.24 0.88
N HIS A 75 -3.30 17.76 2.11
CA HIS A 75 -2.55 16.59 2.54
C HIS A 75 -2.92 15.35 1.72
N LEU A 76 -4.22 15.12 1.57
CA LEU A 76 -4.71 13.95 0.84
C LEU A 76 -4.18 13.92 -0.59
N LEU A 77 -4.15 15.08 -1.24
CA LEU A 77 -3.70 15.17 -2.61
C LEU A 77 -2.18 15.03 -2.74
N GLU A 78 -1.45 15.60 -1.79
CA GLU A 78 0.00 15.47 -1.76
C GLU A 78 0.38 14.00 -1.64
N CYS A 79 -0.37 13.26 -0.83
CA CYS A 79 -0.08 11.86 -0.59
C CYS A 79 -0.47 10.96 -1.75
N ALA A 80 -1.57 11.29 -2.42
CA ALA A 80 -2.20 10.36 -3.36
C ALA A 80 -2.05 10.70 -4.85
N TRP A 81 -1.54 11.89 -5.16
CA TRP A 81 -1.52 12.35 -6.55
C TRP A 81 -0.88 11.36 -7.54
N LEU A 82 0.30 10.85 -7.21
CA LEU A 82 0.99 9.92 -8.11
C LEU A 82 0.26 8.58 -8.21
N GLU A 83 -0.27 8.11 -7.09
CA GLU A 83 -1.09 6.90 -7.09
C GLU A 83 -2.26 7.07 -8.05
N ILE A 84 -2.89 8.24 -7.99
CA ILE A 84 -4.07 8.52 -8.78
C ILE A 84 -3.77 8.60 -10.28
N LEU A 85 -2.65 9.24 -10.63
CA LEU A 85 -2.23 9.30 -12.02
C LEU A 85 -1.94 7.89 -12.55
N MET A 86 -1.27 7.09 -11.73
CA MET A 86 -0.87 5.75 -12.12
C MET A 86 -2.05 4.82 -12.40
N ILE A 87 -3.03 4.79 -11.51
CA ILE A 87 -4.19 3.93 -11.72
C ILE A 87 -4.96 4.40 -12.96
N GLY A 88 -4.97 5.71 -13.18
CA GLY A 88 -5.54 6.26 -14.40
C GLY A 88 -4.80 5.72 -15.60
N LEU A 89 -3.48 5.72 -15.52
CA LEU A 89 -2.63 5.19 -16.59
C LEU A 89 -2.94 3.73 -16.86
N VAL A 90 -2.92 2.91 -15.81
CA VAL A 90 -3.20 1.49 -15.93
C VAL A 90 -4.59 1.23 -16.49
N TRP A 91 -5.56 2.04 -16.06
CA TRP A 91 -6.92 1.91 -16.56
C TRP A 91 -6.99 2.06 -18.08
N ARG A 92 -6.46 3.16 -18.59
CA ARG A 92 -6.52 3.44 -20.02
C ARG A 92 -5.53 2.63 -20.84
N SER A 93 -4.73 1.80 -20.15
CA SER A 93 -3.75 0.97 -20.82
C SER A 93 -4.19 -0.49 -20.91
N MET A 94 -5.35 -0.80 -20.33
CA MET A 94 -5.88 -2.16 -20.32
C MET A 94 -5.93 -2.77 -21.71
N GLU A 95 -6.58 -2.07 -22.63
CA GLU A 95 -6.77 -2.57 -24.00
C GLU A 95 -5.49 -2.54 -24.82
N HIS A 96 -4.39 -2.16 -24.18
CA HIS A 96 -3.08 -2.11 -24.85
C HIS A 96 -2.08 -3.01 -24.14
N PRO A 97 -2.24 -4.33 -24.29
CA PRO A 97 -1.35 -5.29 -23.64
C PRO A 97 0.11 -5.08 -24.03
N GLY A 98 1.00 -5.06 -23.04
CA GLY A 98 2.42 -4.88 -23.30
C GLY A 98 2.80 -3.43 -23.52
N LYS A 99 1.82 -2.54 -23.41
CA LYS A 99 2.07 -1.10 -23.60
C LYS A 99 1.37 -0.26 -22.54
N LEU A 100 1.91 0.94 -22.30
CA LEU A 100 1.29 1.90 -21.41
C LEU A 100 0.87 3.14 -22.18
N LEU A 101 -0.40 3.49 -22.09
CA LEU A 101 -0.93 4.65 -22.82
C LEU A 101 -0.93 5.89 -21.93
N PHE A 102 0.23 6.52 -21.81
CA PHE A 102 0.35 7.75 -21.02
C PHE A 102 -0.57 8.83 -21.59
N ALA A 103 -0.65 8.88 -22.91
CA ALA A 103 -1.56 9.79 -23.59
C ALA A 103 -1.97 9.16 -24.92
N PRO A 104 -3.08 9.64 -25.51
CA PRO A 104 -3.53 9.10 -26.79
C PRO A 104 -2.42 9.13 -27.84
N ASN A 105 -1.48 10.06 -27.69
CA ASN A 105 -0.38 10.20 -28.63
C ASN A 105 0.96 9.77 -28.03
N LEU A 106 0.89 9.06 -26.90
CA LEU A 106 2.10 8.56 -26.24
C LEU A 106 1.89 7.14 -25.73
N LEU A 107 1.97 6.17 -26.65
CA LEU A 107 1.78 4.77 -26.33
C LEU A 107 3.12 4.05 -26.35
N LEU A 108 3.58 3.63 -25.17
CA LEU A 108 4.92 3.06 -25.04
C LEU A 108 4.91 1.59 -24.60
N ASP A 109 5.85 0.83 -25.15
CA ASP A 109 6.12 -0.51 -24.65
C ASP A 109 7.32 -0.43 -23.69
N ARG A 110 7.67 -1.55 -23.07
CA ARG A 110 8.73 -1.54 -22.06
C ARG A 110 10.11 -1.20 -22.63
N ASN A 111 10.25 -1.32 -23.95
CA ASN A 111 11.51 -1.02 -24.62
C ASN A 111 11.61 0.43 -25.12
N GLN A 112 12.69 1.11 -24.71
CA GLN A 112 12.97 2.50 -25.07
C GLN A 112 13.84 3.19 -24.02
N GLY A 113 14.92 2.53 -23.63
CA GLY A 113 15.88 3.11 -22.68
C GLY A 113 15.38 3.14 -21.24
N LYS A 114 14.99 4.32 -20.79
CA LYS A 114 14.57 4.52 -19.40
C LYS A 114 15.72 4.38 -18.43
N CYS A 115 15.91 3.17 -17.94
CA CYS A 115 16.90 2.89 -16.92
C CYS A 115 16.91 1.41 -16.58
N VAL A 116 16.35 1.07 -15.43
CA VAL A 116 16.25 -0.31 -14.98
C VAL A 116 15.30 -0.40 -13.80
N MET A 119 13.48 2.14 -13.38
CA MET A 119 12.39 2.77 -14.11
C MET A 119 11.62 1.72 -14.91
N VAL A 120 12.36 0.79 -15.50
CA VAL A 120 11.75 -0.31 -16.25
C VAL A 120 10.92 -1.19 -15.31
N GLU A 121 11.42 -1.37 -14.09
CA GLU A 121 10.72 -2.19 -13.10
C GLU A 121 9.38 -1.57 -12.72
N ILE A 122 9.36 -0.24 -12.62
CA ILE A 122 8.12 0.48 -12.37
C ILE A 122 7.21 0.35 -13.58
N PHE A 123 7.80 0.43 -14.77
CA PHE A 123 7.07 0.29 -16.01
C PHE A 123 6.40 -1.08 -16.07
N ASP A 124 7.15 -2.12 -15.70
CA ASP A 124 6.62 -3.48 -15.71
C ASP A 124 5.54 -3.68 -14.66
N MET A 125 5.70 -3.05 -13.50
CA MET A 125 4.69 -3.13 -12.46
C MET A 125 3.38 -2.51 -12.94
N LEU A 126 3.48 -1.39 -13.65
CA LEU A 126 2.31 -0.75 -14.23
C LEU A 126 1.69 -1.65 -15.28
N LEU A 127 2.53 -2.29 -16.08
CA LEU A 127 2.07 -3.24 -17.10
C LEU A 127 1.35 -4.42 -16.45
N ALA A 128 1.94 -4.95 -15.39
CA ALA A 128 1.35 -6.06 -14.65
C ALA A 128 0.00 -5.66 -14.05
N THR A 129 -0.02 -4.50 -13.40
CA THR A 129 -1.25 -3.99 -12.81
C THR A 129 -2.34 -3.85 -13.86
N SER A 130 -2.01 -3.18 -14.95
CA SER A 130 -2.94 -3.02 -16.07
C SER A 130 -3.41 -4.38 -16.57
N SER A 131 -2.47 -5.32 -16.67
CA SER A 131 -2.80 -6.68 -17.09
C SER A 131 -3.77 -7.32 -16.12
N ARG A 132 -3.63 -6.99 -14.83
CA ARG A 132 -4.53 -7.51 -13.81
C ARG A 132 -5.96 -7.02 -14.02
N PHE A 133 -6.11 -5.72 -14.22
CA PHE A 133 -7.43 -5.13 -14.44
C PHE A 133 -8.12 -5.74 -15.65
N ARG A 134 -7.35 -6.05 -16.69
CA ARG A 134 -7.89 -6.58 -17.92
C ARG A 134 -8.53 -7.96 -17.71
N MET A 135 -7.81 -8.85 -17.05
CA MET A 135 -8.30 -10.19 -16.79
C MET A 135 -9.50 -10.20 -15.85
N MET A 136 -9.52 -9.24 -14.92
CA MET A 136 -10.64 -9.09 -14.01
C MET A 136 -11.82 -8.43 -14.72
N ASN A 137 -11.58 -7.93 -15.92
CA ASN A 137 -12.56 -7.15 -16.65
C ASN A 137 -13.07 -6.00 -15.78
N LEU A 138 -12.12 -5.23 -15.24
CA LEU A 138 -12.45 -4.09 -14.40
C LEU A 138 -13.39 -3.14 -15.13
N GLN A 139 -14.49 -2.79 -14.46
CA GLN A 139 -15.48 -1.90 -15.05
C GLN A 139 -15.22 -0.45 -14.67
N GLY A 140 -15.59 0.46 -15.57
CA GLY A 140 -15.40 1.88 -15.33
C GLY A 140 -15.99 2.33 -14.01
N GLU A 141 -17.13 1.77 -13.65
CA GLU A 141 -17.79 2.09 -12.39
C GLU A 141 -16.90 1.69 -11.22
N GLU A 142 -16.35 0.48 -11.28
CA GLU A 142 -15.45 0.00 -10.24
C GLU A 142 -14.21 0.88 -10.15
N PHE A 143 -13.66 1.21 -11.32
CA PHE A 143 -12.45 2.03 -11.40
C PHE A 143 -12.57 3.36 -10.67
N VAL A 144 -13.65 4.09 -10.94
CA VAL A 144 -13.85 5.40 -10.32
C VAL A 144 -13.98 5.29 -8.80
N CYS A 145 -14.56 4.18 -8.33
CA CYS A 145 -14.64 3.93 -6.90
C CYS A 145 -13.25 3.72 -6.32
N LEU A 146 -12.46 2.88 -7.00
CA LEU A 146 -11.09 2.60 -6.58
C LEU A 146 -10.26 3.88 -6.49
N LYS A 147 -10.39 4.73 -7.50
CA LYS A 147 -9.59 5.95 -7.56
C LYS A 147 -9.93 6.91 -6.42
N SER A 148 -11.21 7.00 -6.09
CA SER A 148 -11.65 7.85 -4.98
C SER A 148 -11.24 7.26 -3.63
N ILE A 149 -11.16 5.94 -3.56
CA ILE A 149 -10.67 5.27 -2.35
C ILE A 149 -9.23 5.69 -2.09
N ILE A 150 -8.40 5.64 -3.13
CA ILE A 150 -7.01 6.06 -3.03
C ILE A 150 -6.91 7.46 -2.45
N LEU A 151 -7.67 8.39 -3.03
CA LEU A 151 -7.66 9.77 -2.60
C LEU A 151 -7.93 9.93 -1.11
N LEU A 152 -8.96 9.26 -0.62
CA LEU A 152 -9.41 9.42 0.75
C LEU A 152 -8.63 8.57 1.76
N ASN A 153 -7.95 7.54 1.26
CA ASN A 153 -7.30 6.57 2.14
C ASN A 153 -5.78 6.74 2.27
N SER A 154 -5.13 7.17 1.21
CA SER A 154 -3.67 7.20 1.15
C SER A 154 -3.00 8.02 2.26
N GLY A 155 -3.56 9.18 2.57
CA GLY A 155 -2.97 10.05 3.58
C GLY A 155 -3.78 10.12 4.85
N VAL A 156 -4.76 9.23 4.99
CA VAL A 156 -5.68 9.28 6.12
C VAL A 156 -5.00 9.02 7.46
N TYR A 157 -3.88 8.31 7.44
CA TYR A 157 -3.19 7.96 8.68
C TYR A 157 -1.89 8.74 8.89
N THR A 158 -1.79 9.92 8.28
CA THR A 158 -0.59 10.74 8.44
C THR A 158 -0.92 12.22 8.57
N PHE A 159 -2.12 12.52 9.04
CA PHE A 159 -2.53 13.90 9.28
C PHE A 159 -1.69 14.53 10.39
N THR A 163 -4.43 16.98 19.39
CA THR A 163 -5.08 17.24 18.12
C THR A 163 -6.60 17.34 18.26
N LEU A 164 -7.27 16.20 18.18
CA LEU A 164 -8.72 16.15 18.37
C LEU A 164 -9.47 16.90 17.26
N LYS A 165 -10.75 16.58 17.10
CA LYS A 165 -11.56 17.19 16.05
C LYS A 165 -10.94 16.96 14.68
N SER A 166 -9.62 16.83 14.66
CA SER A 166 -8.92 16.29 13.51
C SER A 166 -9.28 14.81 13.46
N LEU A 167 -9.65 14.28 14.62
CA LEU A 167 -10.14 12.91 14.73
C LEU A 167 -11.51 12.81 14.09
N GLU A 168 -12.29 13.88 14.21
CA GLU A 168 -13.62 13.93 13.61
C GLU A 168 -13.52 13.85 12.08
N GLU A 169 -12.53 14.53 11.53
CA GLU A 169 -12.29 14.50 10.09
C GLU A 169 -11.99 13.08 9.63
N LYS A 170 -11.17 12.38 10.40
CA LYS A 170 -10.80 11.00 10.09
C LYS A 170 -12.03 10.09 10.05
N ASP A 171 -12.86 10.19 11.08
CA ASP A 171 -14.07 9.37 11.17
C ASP A 171 -14.99 9.60 9.97
N HIS A 172 -15.14 10.86 9.58
CA HIS A 172 -15.94 11.19 8.41
C HIS A 172 -15.39 10.49 7.17
N ILE A 173 -14.07 10.49 7.05
CA ILE A 173 -13.40 9.83 5.93
C ILE A 173 -13.68 8.33 5.91
N HIS A 174 -13.60 7.71 7.09
CA HIS A 174 -13.86 6.28 7.21
C HIS A 174 -15.28 5.94 6.76
N ARG A 175 -16.23 6.79 7.14
CA ARG A 175 -17.62 6.59 6.74
C ARG A 175 -17.76 6.66 5.23
N VAL A 176 -17.20 7.70 4.61
CA VAL A 176 -17.23 7.84 3.17
C VAL A 176 -16.62 6.61 2.50
N LEU A 177 -15.47 6.17 3.02
CA LEU A 177 -14.83 4.95 2.52
C LEU A 177 -15.78 3.77 2.63
N ASP A 178 -16.40 3.62 3.80
CA ASP A 178 -17.39 2.56 4.02
C ASP A 178 -18.47 2.60 2.94
N LYS A 179 -18.96 3.81 2.65
CA LYS A 179 -19.99 3.98 1.64
C LYS A 179 -19.51 3.54 0.26
N ILE A 180 -18.25 3.86 -0.06
CA ILE A 180 -17.68 3.47 -1.34
C ILE A 180 -17.53 1.95 -1.42
N THR A 181 -17.24 1.32 -0.28
CA THR A 181 -17.20 -0.13 -0.22
C THR A 181 -18.58 -0.71 -0.50
N ASP A 182 -19.60 -0.08 0.08
CA ASP A 182 -20.98 -0.46 -0.18
C ASP A 182 -21.31 -0.32 -1.65
N THR A 183 -20.73 0.69 -2.29
CA THR A 183 -20.98 0.96 -3.69
C THR A 183 -20.32 -0.09 -4.58
N LEU A 184 -19.09 -0.46 -4.24
CA LEU A 184 -18.37 -1.50 -4.97
C LEU A 184 -19.13 -2.82 -4.93
N ILE A 185 -19.57 -3.21 -3.73
CA ILE A 185 -20.37 -4.41 -3.56
C ILE A 185 -21.65 -4.32 -4.40
N HIS A 186 -22.34 -3.20 -4.27
CA HIS A 186 -23.56 -2.96 -5.04
C HIS A 186 -23.34 -3.25 -6.52
N LEU A 187 -22.25 -2.72 -7.07
CA LEU A 187 -21.91 -2.91 -8.48
C LEU A 187 -21.71 -4.38 -8.81
N MET A 188 -20.88 -5.05 -8.02
CA MET A 188 -20.58 -6.47 -8.24
C MET A 188 -21.84 -7.32 -8.16
N ALA A 189 -22.67 -7.05 -7.16
CA ALA A 189 -23.95 -7.74 -7.02
C ALA A 189 -24.78 -7.55 -8.28
N LYS A 190 -24.84 -6.30 -8.74
CA LYS A 190 -25.53 -5.96 -9.97
C LYS A 190 -25.04 -6.80 -11.14
N ALA A 191 -23.74 -7.10 -11.13
CA ALA A 191 -23.10 -7.84 -12.19
C ALA A 191 -23.41 -9.33 -12.14
N GLY A 192 -24.17 -9.74 -11.12
CA GLY A 192 -24.59 -11.13 -10.99
C GLY A 192 -23.59 -12.01 -10.27
N LEU A 193 -22.62 -11.40 -9.60
CA LEU A 193 -21.63 -12.15 -8.83
C LEU A 193 -22.25 -12.71 -7.56
N THR A 194 -21.85 -13.93 -7.20
CA THR A 194 -22.26 -14.51 -5.93
C THR A 194 -21.62 -13.72 -4.80
N LEU A 195 -22.21 -13.83 -3.60
CA LEU A 195 -21.68 -13.12 -2.45
C LEU A 195 -20.20 -13.43 -2.26
N GLN A 196 -19.86 -14.71 -2.33
CA GLN A 196 -18.47 -15.14 -2.21
C GLN A 196 -17.60 -14.47 -3.26
N GLN A 197 -18.11 -14.38 -4.48
CA GLN A 197 -17.39 -13.76 -5.59
C GLN A 197 -17.28 -12.26 -5.41
N GLN A 198 -18.27 -11.66 -4.77
CA GLN A 198 -18.25 -10.23 -4.49
C GLN A 198 -17.14 -9.92 -3.48
N HIS A 199 -17.10 -10.70 -2.41
CA HIS A 199 -16.09 -10.53 -1.37
C HIS A 199 -14.70 -10.78 -1.92
N GLN A 200 -14.57 -11.77 -2.80
CA GLN A 200 -13.29 -12.09 -3.40
C GLN A 200 -12.83 -11.01 -4.37
N ARG A 201 -13.75 -10.49 -5.17
CA ARG A 201 -13.43 -9.44 -6.11
C ARG A 201 -13.07 -8.14 -5.37
N LEU A 202 -13.86 -7.82 -4.34
CA LEU A 202 -13.59 -6.66 -3.52
C LEU A 202 -12.17 -6.71 -2.96
N ALA A 203 -11.81 -7.87 -2.41
CA ALA A 203 -10.46 -8.07 -1.87
C ALA A 203 -9.41 -7.91 -2.96
N GLN A 204 -9.64 -8.57 -4.09
CA GLN A 204 -8.71 -8.50 -5.21
C GLN A 204 -8.44 -7.06 -5.61
N LEU A 205 -9.50 -6.25 -5.69
CA LEU A 205 -9.36 -4.85 -6.07
C LEU A 205 -8.56 -4.07 -5.03
N LEU A 206 -8.88 -4.28 -3.76
CA LEU A 206 -8.22 -3.54 -2.68
C LEU A 206 -6.75 -3.93 -2.54
N LEU A 207 -6.43 -5.19 -2.80
CA LEU A 207 -5.04 -5.63 -2.77
C LEU A 207 -4.21 -4.94 -3.84
N ILE A 208 -4.84 -4.70 -4.99
CA ILE A 208 -4.19 -3.98 -6.07
C ILE A 208 -3.69 -2.62 -5.59
N LEU A 209 -4.51 -1.96 -4.77
CA LEU A 209 -4.18 -0.64 -4.25
C LEU A 209 -2.89 -0.66 -3.44
N SER A 210 -2.57 -1.81 -2.85
CA SER A 210 -1.32 -1.97 -2.13
C SER A 210 -0.15 -1.82 -3.10
N HIS A 211 -0.27 -2.44 -4.27
CA HIS A 211 0.78 -2.39 -5.28
C HIS A 211 0.88 -0.99 -5.88
N ILE A 212 -0.25 -0.32 -6.06
CA ILE A 212 -0.26 1.04 -6.58
C ILE A 212 0.45 1.98 -5.61
N ARG A 213 0.22 1.77 -4.32
CA ARG A 213 0.92 2.53 -3.29
C ARG A 213 2.43 2.29 -3.43
N HIS A 214 2.79 1.03 -3.66
CA HIS A 214 4.18 0.65 -3.84
C HIS A 214 4.80 1.36 -5.04
N MET A 215 4.10 1.28 -6.18
CA MET A 215 4.57 1.91 -7.40
C MET A 215 4.72 3.43 -7.21
N SER A 216 3.78 4.02 -6.49
CA SER A 216 3.86 5.44 -6.18
C SER A 216 5.12 5.75 -5.39
N ASN A 217 5.32 5.02 -4.29
CA ASN A 217 6.50 5.20 -3.46
C ASN A 217 7.79 5.17 -4.26
N LYS A 218 7.92 4.15 -5.11
CA LYS A 218 9.11 4.01 -5.95
C LYS A 218 9.20 5.18 -6.91
N GLY A 219 8.06 5.60 -7.44
CA GLY A 219 8.00 6.72 -8.37
C GLY A 219 8.48 8.01 -7.73
N MET A 220 8.03 8.27 -6.51
CA MET A 220 8.44 9.47 -5.78
C MET A 220 9.95 9.52 -5.58
N GLU A 221 10.56 8.35 -5.39
CA GLU A 221 12.00 8.27 -5.23
C GLU A 221 12.71 8.69 -6.50
N HIS A 222 12.32 8.10 -7.62
CA HIS A 222 12.87 8.49 -8.92
C HIS A 222 12.64 9.97 -9.17
N LEU A 223 11.45 10.44 -8.82
CA LEU A 223 11.12 11.86 -8.98
C LEU A 223 12.12 12.73 -8.25
N TYR A 224 12.46 12.35 -7.01
CA TYR A 224 13.45 13.08 -6.24
C TYR A 224 14.79 13.07 -6.96
N SER A 225 15.13 11.93 -7.55
CA SER A 225 16.38 11.80 -8.29
C SER A 225 16.40 12.80 -9.45
N MET A 226 15.32 12.84 -10.23
CA MET A 226 15.23 13.75 -11.35
C MET A 226 15.44 15.20 -10.92
N LYS A 227 14.96 15.54 -9.73
CA LYS A 227 15.14 16.89 -9.20
C LYS A 227 16.62 17.17 -8.94
N CYS A 228 17.29 16.23 -8.29
CA CYS A 228 18.70 16.38 -7.97
C CYS A 228 19.57 16.49 -9.23
N LYS A 229 19.30 15.63 -10.19
CA LYS A 229 20.04 15.63 -11.45
C LYS A 229 19.84 16.95 -12.20
N ASN A 230 18.64 17.50 -12.11
CA ASN A 230 18.35 18.81 -12.66
C ASN A 230 18.43 18.86 -14.19
N VAL A 231 18.09 17.75 -14.83
CA VAL A 231 18.04 17.72 -16.29
C VAL A 231 16.60 17.72 -16.79
N VAL A 232 15.76 16.93 -16.13
CA VAL A 232 14.33 16.90 -16.46
C VAL A 232 13.62 18.06 -15.79
N PRO A 233 12.94 18.90 -16.58
CA PRO A 233 12.22 20.06 -16.04
C PRO A 233 11.02 19.63 -15.20
N LEU A 234 10.95 20.14 -13.97
CA LEU A 234 9.83 19.85 -13.08
C LEU A 234 9.12 21.14 -12.71
N SER A 235 7.81 21.16 -12.91
CA SER A 235 7.01 22.35 -12.62
C SER A 235 7.12 22.72 -11.14
N ASP A 236 6.82 23.98 -10.82
CA ASP A 236 6.81 24.43 -9.43
C ASP A 236 5.86 23.58 -8.60
N LEU A 237 4.76 23.16 -9.21
CA LEU A 237 3.77 22.34 -8.53
C LEU A 237 4.31 20.95 -8.21
N LEU A 238 5.01 20.35 -9.17
CA LEU A 238 5.57 19.02 -8.97
C LEU A 238 6.64 19.01 -7.88
N LEU A 239 7.42 20.09 -7.82
CA LEU A 239 8.46 20.22 -6.81
C LEU A 239 7.85 20.37 -5.42
N GLU A 240 6.81 21.18 -5.31
CA GLU A 240 6.11 21.35 -4.04
C GLU A 240 5.47 20.03 -3.60
N MET A 241 4.86 19.32 -4.55
CA MET A 241 4.29 18.00 -4.28
C MET A 241 5.38 17.08 -3.76
N LEU A 242 6.52 17.07 -4.42
CA LEU A 242 7.66 16.26 -4.00
C LEU A 242 8.19 16.72 -2.65
N ASP A 243 8.09 18.02 -2.39
CA ASP A 243 8.51 18.59 -1.12
C ASP A 243 7.72 17.99 0.04
N ALA A 244 6.41 17.95 -0.10
CA ALA A 244 5.53 17.44 0.95
C ALA A 244 5.87 16.00 1.34
N HIS A 245 6.23 15.20 0.34
CA HIS A 245 6.50 13.79 0.56
C HIS A 245 7.77 13.55 1.38
N ARG A 246 8.68 14.51 1.36
CA ARG A 246 9.98 14.36 2.01
C ARG A 246 10.07 15.19 3.29
N HIS B 1 0.71 31.05 -0.27
CA HIS B 1 1.29 29.79 0.21
C HIS B 1 1.37 28.73 -0.89
N LYS B 2 1.18 27.47 -0.51
CA LYS B 2 1.30 26.36 -1.46
C LYS B 2 0.40 26.53 -2.68
N ILE B 3 0.93 26.18 -3.85
CA ILE B 3 0.16 26.21 -5.08
C ILE B 3 -1.09 25.33 -4.95
N LEU B 4 -0.88 24.10 -4.49
CA LEU B 4 -1.99 23.16 -4.31
C LEU B 4 -3.07 23.76 -3.42
N HIS B 5 -2.63 24.47 -2.38
CA HIS B 5 -3.56 25.10 -1.45
C HIS B 5 -4.37 26.18 -2.16
N ARG B 6 -3.70 26.89 -3.07
CA ARG B 6 -4.33 27.97 -3.83
C ARG B 6 -5.31 27.41 -4.86
N LEU B 7 -4.86 26.40 -5.59
CA LEU B 7 -5.69 25.76 -6.61
C LEU B 7 -6.93 25.12 -6.00
N LEU B 8 -6.82 24.66 -4.76
CA LEU B 8 -7.94 24.00 -4.09
C LEU B 8 -9.03 24.98 -3.65
N GLN B 9 -8.61 26.11 -3.09
CA GLN B 9 -9.57 27.06 -2.51
C GLN B 9 -10.16 28.03 -3.52
N ASP B 10 -10.52 27.53 -4.69
CA ASP B 10 -11.15 28.35 -5.72
C ASP B 10 -11.69 27.52 -6.87
N HIS C 1 24.49 -16.34 -4.56
CA HIS C 1 23.86 -17.18 -3.55
C HIS C 1 23.54 -16.38 -2.30
N LYS C 2 22.30 -16.49 -1.82
CA LYS C 2 21.87 -15.74 -0.66
C LYS C 2 21.47 -16.65 0.50
N ILE C 3 21.40 -16.07 1.69
CA ILE C 3 21.06 -16.82 2.90
C ILE C 3 19.63 -17.35 2.86
N LEU C 4 18.71 -16.55 2.34
CA LEU C 4 17.33 -16.97 2.20
C LEU C 4 17.24 -18.30 1.45
N HIS C 5 17.98 -18.40 0.36
CA HIS C 5 18.02 -19.63 -0.43
C HIS C 5 18.28 -20.84 0.47
N ARG C 6 19.27 -20.72 1.35
CA ARG C 6 19.65 -21.80 2.23
C ARG C 6 18.60 -22.06 3.31
N LEU C 7 18.19 -21.00 4.00
CA LEU C 7 17.25 -21.13 5.10
C LEU C 7 15.88 -21.68 4.67
N LEU C 8 15.47 -21.34 3.46
CA LEU C 8 14.18 -21.81 2.95
C LEU C 8 14.20 -23.32 2.66
N GLN C 9 15.39 -23.90 2.61
CA GLN C 9 15.53 -25.34 2.37
C GLN C 9 15.48 -26.13 3.68
N ASP C 10 16.17 -25.63 4.71
CA ASP C 10 16.38 -26.35 5.95
C ASP C 10 15.69 -27.72 6.00
N ASN D 2 -3.80 -28.76 -7.60
CA ASN D 2 -2.84 -29.70 -7.04
C ASN D 2 -2.28 -29.20 -5.70
N SER D 3 -2.75 -28.03 -5.28
CA SER D 3 -2.32 -27.45 -4.01
C SER D 3 -3.31 -27.80 -2.90
N LEU D 4 -2.78 -28.25 -1.77
CA LEU D 4 -3.61 -28.64 -0.64
C LEU D 4 -4.26 -27.44 0.03
N ALA D 5 -3.64 -26.28 -0.10
CA ALA D 5 -4.16 -25.06 0.51
C ALA D 5 -5.62 -24.83 0.14
N LEU D 6 -5.96 -25.07 -1.12
CA LEU D 6 -7.29 -24.80 -1.63
C LEU D 6 -8.32 -25.82 -1.16
N SER D 7 -7.84 -26.92 -0.59
CA SER D 7 -8.72 -27.98 -0.12
C SER D 7 -9.03 -27.85 1.37
N LEU D 8 -8.36 -26.89 2.02
CA LEU D 8 -8.59 -26.64 3.43
C LEU D 8 -9.92 -25.94 3.65
N THR D 9 -10.52 -26.16 4.81
CA THR D 9 -11.73 -25.44 5.20
C THR D 9 -11.32 -24.14 5.90
N ALA D 10 -12.28 -23.24 6.10
CA ALA D 10 -11.99 -21.98 6.75
C ALA D 10 -11.34 -22.20 8.13
N ASP D 11 -11.97 -23.04 8.94
CA ASP D 11 -11.44 -23.36 10.27
C ASP D 11 -10.09 -24.06 10.19
N GLN D 12 -9.90 -24.86 9.13
CA GLN D 12 -8.62 -25.52 8.92
C GLN D 12 -7.53 -24.50 8.60
N MET D 13 -7.86 -23.53 7.76
CA MET D 13 -6.94 -22.47 7.39
C MET D 13 -6.54 -21.67 8.63
N VAL D 14 -7.54 -21.28 9.41
CA VAL D 14 -7.30 -20.51 10.64
C VAL D 14 -6.41 -21.28 11.61
N SER D 15 -6.70 -22.56 11.79
CA SER D 15 -5.90 -23.40 12.67
C SER D 15 -4.47 -23.54 12.16
N ALA D 16 -4.33 -23.76 10.86
CA ALA D 16 -3.02 -23.86 10.24
C ALA D 16 -2.21 -22.60 10.51
N LEU D 17 -2.84 -21.44 10.32
CA LEU D 17 -2.17 -20.16 10.51
C LEU D 17 -1.84 -19.89 11.97
N LEU D 18 -2.77 -20.23 12.86
CA LEU D 18 -2.55 -20.07 14.29
C LEU D 18 -1.41 -20.96 14.77
N ASP D 19 -1.37 -22.19 14.26
CA ASP D 19 -0.32 -23.12 14.61
C ASP D 19 1.02 -22.68 14.05
N ALA D 20 0.96 -21.86 12.99
CA ALA D 20 2.17 -21.38 12.33
C ALA D 20 2.77 -20.19 13.05
N GLU D 21 1.94 -19.47 13.81
CA GLU D 21 2.38 -18.27 14.50
C GLU D 21 3.75 -18.39 15.16
N PRO D 22 4.69 -17.52 14.80
CA PRO D 22 5.99 -17.46 15.45
C PRO D 22 5.84 -16.87 16.84
N PRO D 23 6.79 -17.20 17.74
CA PRO D 23 6.72 -16.68 19.11
C PRO D 23 7.06 -15.20 19.18
N ILE D 24 6.67 -14.54 20.27
CA ILE D 24 7.07 -13.17 20.51
C ILE D 24 8.44 -13.14 21.17
N LEU D 25 9.41 -12.55 20.50
CA LEU D 25 10.78 -12.57 20.97
C LEU D 25 11.09 -11.41 21.90
N TYR D 26 12.13 -11.57 22.72
CA TYR D 26 12.55 -10.53 23.65
C TYR D 26 13.79 -9.81 23.15
N SER D 27 13.95 -8.57 23.61
CA SER D 27 15.18 -7.83 23.37
C SER D 27 16.14 -8.13 24.53
N GLU D 28 17.29 -7.46 24.53
CA GLU D 28 18.25 -7.64 25.62
C GLU D 28 17.61 -7.31 26.97
N TYR D 29 18.16 -7.89 28.03
CA TYR D 29 17.63 -7.64 29.37
C TYR D 29 18.23 -6.42 30.05
N ASP D 30 19.06 -5.69 29.32
CA ASP D 30 19.58 -4.41 29.80
C ASP D 30 18.41 -3.43 29.91
N PRO D 31 18.23 -2.83 31.09
CA PRO D 31 17.05 -2.00 31.36
C PRO D 31 17.16 -0.55 30.89
N THR D 32 18.27 -0.15 30.30
CA THR D 32 18.42 1.24 29.84
C THR D 32 17.54 1.51 28.63
N ARG D 33 16.79 2.60 28.68
CA ARG D 33 15.91 2.98 27.58
C ARG D 33 16.68 3.73 26.50
N PRO D 34 16.72 3.17 25.28
CA PRO D 34 17.47 3.72 24.16
C PRO D 34 16.95 5.08 23.71
N PHE D 35 17.83 6.07 23.66
CA PHE D 35 17.47 7.39 23.13
C PHE D 35 18.34 7.77 21.94
N SER D 36 19.48 7.09 21.82
CA SER D 36 20.36 7.30 20.67
C SER D 36 19.94 6.41 19.51
N GLU D 37 20.46 6.68 18.33
CA GLU D 37 20.16 5.86 17.16
C GLU D 37 20.93 4.54 17.22
N ALA D 38 22.19 4.62 17.62
CA ALA D 38 23.03 3.44 17.73
C ALA D 38 22.39 2.39 18.63
N SER D 39 21.98 2.82 19.82
CA SER D 39 21.39 1.91 20.81
C SER D 39 20.07 1.33 20.33
N MET D 40 19.17 2.20 19.88
CA MET D 40 17.84 1.78 19.45
C MET D 40 17.92 0.93 18.19
N MET D 41 18.66 1.41 17.20
CA MET D 41 18.84 0.67 15.95
C MET D 41 19.55 -0.65 16.20
N GLY D 42 20.44 -0.66 17.18
CA GLY D 42 21.12 -1.88 17.57
C GLY D 42 20.13 -2.94 18.03
N LEU D 43 19.16 -2.51 18.84
CA LEU D 43 18.16 -3.41 19.38
C LEU D 43 17.19 -3.89 18.30
N LEU D 44 16.90 -3.01 17.34
CA LEU D 44 15.95 -3.35 16.28
C LEU D 44 16.54 -4.34 15.27
N THR D 45 17.80 -4.13 14.91
CA THR D 45 18.49 -5.04 14.01
C THR D 45 18.64 -6.41 14.66
N ASN D 46 19.09 -6.41 15.90
CA ASN D 46 19.17 -7.63 16.70
C ASN D 46 17.84 -8.37 16.68
N LEU D 47 16.76 -7.64 17.00
CA LEU D 47 15.43 -8.23 17.06
C LEU D 47 14.98 -8.74 15.69
N ALA D 48 15.08 -7.89 14.68
CA ALA D 48 14.67 -8.24 13.33
C ALA D 48 15.40 -9.48 12.83
N ASP D 49 16.69 -9.56 13.11
CA ASP D 49 17.50 -10.71 12.70
C ASP D 49 16.92 -12.03 13.20
N ARG D 50 16.66 -12.11 14.50
CA ARG D 50 16.14 -13.33 15.11
C ARG D 50 14.72 -13.62 14.65
N GLU D 51 13.94 -12.58 14.41
CA GLU D 51 12.57 -12.74 13.95
C GLU D 51 12.52 -13.27 12.51
N LEU D 52 13.49 -12.86 11.71
CA LEU D 52 13.56 -13.28 10.32
C LEU D 52 13.67 -14.79 10.17
N VAL D 53 14.35 -15.43 11.14
CA VAL D 53 14.49 -16.88 11.12
C VAL D 53 13.16 -17.55 11.45
N HIS D 54 12.46 -17.01 12.43
CA HIS D 54 11.12 -17.52 12.78
C HIS D 54 10.14 -17.24 11.65
N MET D 55 10.30 -16.10 10.99
CA MET D 55 9.42 -15.72 9.89
C MET D 55 9.59 -16.66 8.71
N ILE D 56 10.83 -16.96 8.37
CA ILE D 56 11.13 -17.87 7.27
C ILE D 56 10.44 -19.22 7.44
N ASN D 57 10.45 -19.73 8.66
CA ASN D 57 9.84 -21.02 8.95
C ASN D 57 8.32 -20.93 9.12
N TRP D 58 7.84 -19.75 9.51
CA TRP D 58 6.41 -19.49 9.54
C TRP D 58 5.85 -19.48 8.14
N ALA D 59 6.53 -18.77 7.24
CA ALA D 59 6.11 -18.67 5.85
C ALA D 59 5.90 -20.03 5.21
N LYS D 60 6.81 -20.96 5.46
CA LYS D 60 6.72 -22.31 4.90
C LYS D 60 5.51 -23.07 5.40
N ARG D 61 4.92 -22.62 6.51
CA ARG D 61 3.75 -23.27 7.08
C ARG D 61 2.46 -22.57 6.67
N VAL D 62 2.58 -21.45 5.98
CA VAL D 62 1.43 -20.77 5.39
C VAL D 62 0.96 -21.57 4.18
N PRO D 63 -0.29 -22.03 4.21
CA PRO D 63 -0.84 -22.86 3.12
C PRO D 63 -0.61 -22.23 1.75
N GLY D 64 -0.09 -23.02 0.82
CA GLY D 64 0.14 -22.55 -0.54
C GLY D 64 1.56 -22.08 -0.78
N PHE D 65 2.21 -21.57 0.26
CA PHE D 65 3.57 -21.06 0.15
C PHE D 65 4.52 -22.18 -0.29
N VAL D 66 4.38 -23.35 0.33
CA VAL D 66 5.23 -24.49 0.02
C VAL D 66 5.13 -24.89 -1.45
N ASP D 67 3.99 -24.61 -2.07
CA ASP D 67 3.76 -25.02 -3.46
C ASP D 67 4.50 -24.14 -4.45
N LEU D 68 5.05 -23.03 -3.97
CA LEU D 68 5.80 -22.12 -4.82
C LEU D 68 7.21 -22.63 -5.07
N THR D 69 7.82 -22.18 -6.17
CA THR D 69 9.22 -22.46 -6.41
C THR D 69 10.05 -21.76 -5.33
N LEU D 70 11.23 -22.29 -5.06
CA LEU D 70 12.10 -21.68 -4.05
C LEU D 70 12.35 -20.21 -4.40
N HIS D 71 12.51 -19.93 -5.69
CA HIS D 71 12.78 -18.59 -6.17
C HIS D 71 11.63 -17.63 -5.90
N ASP D 72 10.40 -18.14 -6.04
CA ASP D 72 9.22 -17.34 -5.76
C ASP D 72 9.07 -17.08 -4.27
N GLN D 73 9.43 -18.08 -3.47
CA GLN D 73 9.39 -17.94 -2.02
C GLN D 73 10.39 -16.88 -1.56
N VAL D 74 11.59 -16.92 -2.13
CA VAL D 74 12.62 -15.94 -1.82
C VAL D 74 12.17 -14.54 -2.17
N HIS D 75 11.52 -14.40 -3.32
CA HIS D 75 11.04 -13.10 -3.78
C HIS D 75 9.97 -12.52 -2.87
N LEU D 76 8.98 -13.34 -2.52
CA LEU D 76 7.89 -12.90 -1.66
C LEU D 76 8.41 -12.45 -0.30
N LEU D 77 9.31 -13.23 0.28
CA LEU D 77 9.89 -12.89 1.58
C LEU D 77 10.72 -11.62 1.51
N GLU D 78 11.51 -11.47 0.44
CA GLU D 78 12.33 -10.29 0.25
C GLU D 78 11.47 -9.04 0.14
N CYS D 79 10.33 -9.17 -0.53
CA CYS D 79 9.42 -8.04 -0.71
C CYS D 79 8.68 -7.67 0.57
N ALA D 80 8.29 -8.68 1.34
CA ALA D 80 7.32 -8.49 2.42
C ALA D 80 7.86 -8.58 3.84
N TRP D 81 9.15 -8.88 3.99
CA TRP D 81 9.69 -9.12 5.33
C TRP D 81 9.46 -7.97 6.31
N LEU D 82 9.70 -6.74 5.87
CA LEU D 82 9.54 -5.58 6.76
C LEU D 82 8.07 -5.30 7.05
N GLU D 83 7.20 -5.54 6.06
CA GLU D 83 5.76 -5.38 6.27
C GLU D 83 5.26 -6.36 7.31
N ILE D 84 5.78 -7.59 7.24
CA ILE D 84 5.37 -8.65 8.14
C ILE D 84 5.83 -8.37 9.57
N LEU D 85 7.03 -7.83 9.71
CA LEU D 85 7.53 -7.45 11.02
C LEU D 85 6.71 -6.32 11.61
N MET D 86 6.40 -5.33 10.77
CA MET D 86 5.68 -4.14 11.22
C MET D 86 4.24 -4.44 11.65
N ILE D 87 3.53 -5.26 10.88
CA ILE D 87 2.16 -5.60 11.23
C ILE D 87 2.13 -6.43 12.52
N GLY D 88 3.18 -7.22 12.72
CA GLY D 88 3.35 -7.94 13.98
C GLY D 88 3.53 -6.94 15.10
N LEU D 89 4.38 -5.93 14.85
CA LEU D 89 4.63 -4.88 15.83
C LEU D 89 3.36 -4.16 16.26
N VAL D 90 2.61 -3.65 15.29
CA VAL D 90 1.40 -2.90 15.61
C VAL D 90 0.36 -3.80 16.26
N TRP D 91 0.40 -5.09 15.91
CA TRP D 91 -0.50 -6.06 16.53
C TRP D 91 -0.27 -6.17 18.04
N ARG D 92 0.97 -6.44 18.44
CA ARG D 92 1.28 -6.58 19.86
C ARG D 92 1.36 -5.24 20.57
N SER D 93 1.25 -4.15 19.82
CA SER D 93 1.25 -2.81 20.40
C SER D 93 -0.16 -2.29 20.65
N MET D 94 -1.15 -3.07 20.21
CA MET D 94 -2.55 -2.68 20.33
C MET D 94 -2.95 -2.24 21.73
N GLU D 95 -2.60 -3.06 22.72
CA GLU D 95 -3.04 -2.82 24.10
C GLU D 95 -2.17 -1.81 24.83
N HIS D 96 -1.22 -1.21 24.10
CA HIS D 96 -0.36 -0.18 24.69
C HIS D 96 -0.43 1.09 23.85
N PRO D 97 -1.60 1.75 23.85
CA PRO D 97 -1.81 2.97 23.05
C PRO D 97 -0.74 4.02 23.34
N GLY D 98 -0.20 4.63 22.29
CA GLY D 98 0.82 5.65 22.43
C GLY D 98 2.23 5.11 22.50
N LYS D 99 2.35 3.78 22.50
CA LYS D 99 3.65 3.11 22.60
C LYS D 99 3.82 2.02 21.54
N LEU D 100 5.06 1.67 21.26
CA LEU D 100 5.37 0.58 20.34
C LEU D 100 6.06 -0.55 21.08
N LEU D 101 5.39 -1.70 21.18
CA LEU D 101 5.94 -2.84 21.88
C LEU D 101 6.78 -3.72 20.94
N PHE D 102 7.99 -3.27 20.65
CA PHE D 102 8.90 -4.04 19.83
C PHE D 102 9.17 -5.40 20.46
N ALA D 103 9.19 -5.42 21.79
CA ALA D 103 9.29 -6.66 22.54
C ALA D 103 8.69 -6.44 23.93
N PRO D 104 8.35 -7.54 24.62
CA PRO D 104 7.75 -7.42 25.96
C PRO D 104 8.61 -6.56 26.87
N ASN D 105 9.93 -6.65 26.70
CA ASN D 105 10.85 -5.86 27.51
C ASN D 105 11.43 -4.68 26.75
N LEU D 106 10.79 -4.33 25.63
CA LEU D 106 11.22 -3.19 24.83
C LEU D 106 10.01 -2.38 24.36
N LEU D 107 9.55 -1.48 25.22
CA LEU D 107 8.39 -0.64 24.92
C LEU D 107 8.85 0.79 24.64
N LEU D 108 8.66 1.26 23.42
CA LEU D 108 9.14 2.57 23.02
C LEU D 108 8.00 3.57 22.82
N ASP D 109 8.29 4.85 23.03
CA ASP D 109 7.35 5.92 22.74
C ASP D 109 7.97 6.88 21.74
N ARG D 110 7.17 7.81 21.23
CA ARG D 110 7.64 8.70 20.18
C ARG D 110 8.73 9.66 20.67
N ASN D 111 8.83 9.82 21.99
CA ASN D 111 9.88 10.65 22.56
C ASN D 111 11.25 10.01 22.39
N GLN D 112 11.26 8.67 22.27
CA GLN D 112 12.48 7.94 21.93
C GLN D 112 12.60 7.88 20.42
N GLY D 113 11.45 7.77 19.75
CA GLY D 113 11.40 7.77 18.30
C GLY D 113 11.79 9.12 17.74
N LYS D 114 11.01 10.15 18.09
CA LYS D 114 11.34 11.51 17.68
C LYS D 114 12.81 11.75 18.00
N CYS D 115 13.35 10.94 18.90
CA CYS D 115 14.75 11.04 19.27
C CYS D 115 15.63 10.33 18.27
N VAL D 116 15.68 10.90 17.06
CA VAL D 116 16.73 10.59 16.09
C VAL D 116 16.78 9.15 15.59
N GLU D 117 16.33 8.97 14.37
CA GLU D 117 15.75 10.09 13.64
C GLU D 117 14.23 10.16 13.84
N GLY D 118 13.60 9.03 14.15
CA GLY D 118 14.29 7.77 14.31
C GLY D 118 13.58 6.51 13.86
N MET D 119 12.58 6.64 12.98
CA MET D 119 12.07 7.93 12.53
C MET D 119 10.71 8.20 13.13
N VAL D 120 10.53 9.41 13.65
CA VAL D 120 9.29 9.78 14.31
C VAL D 120 8.10 9.67 13.35
N GLU D 121 8.31 10.02 12.10
CA GLU D 121 7.23 9.94 11.11
C GLU D 121 6.73 8.51 10.98
N ILE D 122 7.67 7.57 10.85
CA ILE D 122 7.32 6.15 10.77
C ILE D 122 6.78 5.67 12.11
N PHE D 123 7.39 6.13 13.20
CA PHE D 123 6.95 5.80 14.54
C PHE D 123 5.48 6.17 14.70
N ASP D 124 5.14 7.39 14.31
CA ASP D 124 3.76 7.87 14.40
C ASP D 124 2.81 7.06 13.52
N MET D 125 3.28 6.69 12.32
CA MET D 125 2.46 5.90 11.41
C MET D 125 2.12 4.55 12.03
N LEU D 126 3.10 3.93 12.68
CA LEU D 126 2.89 2.64 13.33
C LEU D 126 1.90 2.77 14.48
N LEU D 127 1.99 3.85 15.23
CA LEU D 127 1.09 4.10 16.35
C LEU D 127 -0.35 4.28 15.88
N ALA D 128 -0.53 5.07 14.82
CA ALA D 128 -1.85 5.28 14.25
C ALA D 128 -2.45 3.97 13.75
N THR D 129 -1.60 3.14 13.16
CA THR D 129 -2.02 1.83 12.65
C THR D 129 -2.45 0.93 13.80
N SER D 130 -1.68 0.95 14.89
CA SER D 130 -1.98 0.17 16.07
C SER D 130 -3.30 0.63 16.69
N SER D 131 -3.44 1.94 16.86
CA SER D 131 -4.66 2.51 17.43
C SER D 131 -5.87 2.11 16.61
N ARG D 132 -5.72 2.12 15.29
CA ARG D 132 -6.80 1.76 14.37
C ARG D 132 -7.17 0.29 14.49
N PHE D 133 -6.17 -0.57 14.60
CA PHE D 133 -6.40 -1.98 14.83
C PHE D 133 -7.18 -2.16 16.13
N ARG D 134 -6.78 -1.41 17.15
CA ARG D 134 -7.43 -1.49 18.45
C ARG D 134 -8.87 -1.04 18.39
N MET D 135 -9.12 0.09 17.74
CA MET D 135 -10.46 0.63 17.62
C MET D 135 -11.36 -0.27 16.79
N MET D 136 -10.77 -1.04 15.88
CA MET D 136 -11.51 -2.01 15.09
C MET D 136 -11.72 -3.30 15.87
N ASN D 137 -11.04 -3.42 17.01
CA ASN D 137 -11.05 -4.65 17.78
C ASN D 137 -10.57 -5.82 16.95
N LEU D 138 -9.43 -5.65 16.30
CA LEU D 138 -8.84 -6.71 15.47
C LEU D 138 -8.64 -7.97 16.30
N GLN D 139 -9.07 -9.10 15.76
CA GLN D 139 -8.92 -10.38 16.44
C GLN D 139 -7.70 -11.13 15.93
N GLY D 140 -7.11 -11.96 16.80
CA GLY D 140 -5.93 -12.72 16.45
C GLY D 140 -6.09 -13.53 15.17
N GLU D 141 -7.26 -14.14 15.01
CA GLU D 141 -7.53 -14.95 13.82
C GLU D 141 -7.55 -14.10 12.55
N GLU D 142 -8.05 -12.87 12.67
CA GLU D 142 -8.05 -11.94 11.55
C GLU D 142 -6.63 -11.48 11.24
N PHE D 143 -5.86 -11.24 12.29
CA PHE D 143 -4.48 -10.80 12.16
C PHE D 143 -3.63 -11.78 11.35
N VAL D 144 -3.71 -13.06 11.69
CA VAL D 144 -2.92 -14.08 11.01
C VAL D 144 -3.29 -14.18 9.53
N CYS D 145 -4.57 -13.99 9.23
CA CYS D 145 -5.03 -13.96 7.84
C CYS D 145 -4.41 -12.78 7.10
N LEU D 146 -4.39 -11.63 7.76
CA LEU D 146 -3.81 -10.42 7.19
C LEU D 146 -2.33 -10.57 6.91
N LYS D 147 -1.61 -11.15 7.86
CA LYS D 147 -0.17 -11.30 7.75
C LYS D 147 0.20 -12.23 6.59
N SER D 148 -0.59 -13.28 6.39
CA SER D 148 -0.35 -14.22 5.30
C SER D 148 -0.68 -13.58 3.95
N ILE D 149 -1.70 -12.73 3.93
CA ILE D 149 -2.06 -12.01 2.72
C ILE D 149 -0.88 -11.16 2.25
N ILE D 150 -0.28 -10.43 3.20
CA ILE D 150 0.90 -9.61 2.92
C ILE D 150 2.01 -10.44 2.28
N LEU D 151 2.24 -11.63 2.83
CA LEU D 151 3.28 -12.52 2.34
C LEU D 151 3.06 -12.91 0.88
N LEU D 152 1.83 -13.27 0.55
CA LEU D 152 1.51 -13.82 -0.77
C LEU D 152 1.25 -12.72 -1.80
N ASN D 153 0.81 -11.56 -1.35
CA ASN D 153 0.41 -10.48 -2.26
C ASN D 153 1.50 -9.47 -2.59
N SER D 154 2.28 -9.07 -1.58
CA SER D 154 3.25 -7.99 -1.74
C SER D 154 4.21 -8.15 -2.93
N GLY D 155 4.61 -9.38 -3.20
CA GLY D 155 5.53 -9.62 -4.30
C GLY D 155 4.87 -10.32 -5.48
N VAL D 156 3.56 -10.44 -5.43
CA VAL D 156 2.81 -11.20 -6.44
C VAL D 156 2.99 -10.65 -7.85
N TYR D 157 2.89 -9.34 -8.00
CA TYR D 157 3.04 -8.70 -9.31
C TYR D 157 4.38 -9.04 -9.96
N THR D 158 5.36 -9.34 -9.11
CA THR D 158 6.72 -9.61 -9.58
C THR D 158 7.00 -11.10 -9.67
N ASP D 171 -1.71 -17.84 -11.10
CA ASP D 171 -3.07 -18.13 -10.68
C ASP D 171 -3.10 -18.73 -9.28
N HIS D 172 -2.07 -19.51 -8.95
CA HIS D 172 -1.99 -20.16 -7.64
C HIS D 172 -2.13 -19.16 -6.50
N ILE D 173 -1.23 -18.18 -6.46
CA ILE D 173 -1.26 -17.15 -5.43
C ILE D 173 -2.63 -16.48 -5.37
N HIS D 174 -3.16 -16.12 -6.54
CA HIS D 174 -4.48 -15.48 -6.62
C HIS D 174 -5.58 -16.35 -6.02
N ARG D 175 -5.57 -17.64 -6.36
CA ARG D 175 -6.54 -18.60 -5.83
C ARG D 175 -6.37 -18.83 -4.34
N VAL D 176 -5.13 -18.78 -3.88
CA VAL D 176 -4.84 -18.91 -2.46
C VAL D 176 -5.31 -17.66 -1.73
N LEU D 177 -5.08 -16.49 -2.33
CA LEU D 177 -5.53 -15.23 -1.74
C LEU D 177 -7.03 -15.18 -1.58
N ASP D 178 -7.75 -15.76 -2.54
CA ASP D 178 -9.21 -15.85 -2.46
C ASP D 178 -9.63 -16.68 -1.26
N LYS D 179 -8.97 -17.83 -1.09
CA LYS D 179 -9.26 -18.72 0.02
C LYS D 179 -9.12 -17.99 1.35
N ILE D 180 -8.05 -17.21 1.49
CA ILE D 180 -7.84 -16.42 2.70
C ILE D 180 -8.95 -15.39 2.87
N THR D 181 -9.40 -14.83 1.75
CA THR D 181 -10.52 -13.90 1.76
C THR D 181 -11.78 -14.58 2.32
N ASP D 182 -12.04 -15.80 1.84
CA ASP D 182 -13.17 -16.58 2.32
C ASP D 182 -13.03 -16.80 3.83
N THR D 183 -11.80 -17.03 4.28
CA THR D 183 -11.53 -17.31 5.68
C THR D 183 -11.79 -16.10 6.56
N LEU D 184 -11.46 -14.91 6.05
CA LEU D 184 -11.71 -13.67 6.78
C LEU D 184 -13.20 -13.43 6.93
N ILE D 185 -13.94 -13.62 5.85
CA ILE D 185 -15.40 -13.49 5.88
C ILE D 185 -16.01 -14.52 6.82
N HIS D 186 -15.49 -15.75 6.76
CA HIS D 186 -15.92 -16.81 7.65
C HIS D 186 -15.80 -16.38 9.12
N LEU D 187 -14.66 -15.79 9.46
CA LEU D 187 -14.41 -15.34 10.83
C LEU D 187 -15.39 -14.25 11.24
N MET D 188 -15.65 -13.31 10.34
CA MET D 188 -16.55 -12.19 10.63
C MET D 188 -17.99 -12.66 10.80
N ALA D 189 -18.40 -13.63 9.98
CA ALA D 189 -19.72 -14.22 10.10
C ALA D 189 -19.83 -14.92 11.44
N LYS D 190 -18.75 -15.60 11.83
CA LYS D 190 -18.68 -16.32 13.09
C LYS D 190 -18.81 -15.36 14.27
N ALA D 191 -18.30 -14.14 14.08
CA ALA D 191 -18.35 -13.12 15.13
C ALA D 191 -19.72 -12.46 15.23
N GLY D 192 -20.62 -12.82 14.32
CA GLY D 192 -21.98 -12.32 14.35
C GLY D 192 -22.20 -11.07 13.52
N LEU D 193 -21.22 -10.70 12.72
CA LEU D 193 -21.34 -9.54 11.84
C LEU D 193 -22.37 -9.76 10.74
N THR D 194 -23.09 -8.71 10.38
CA THR D 194 -24.03 -8.77 9.27
C THR D 194 -23.24 -8.81 7.96
N LEU D 195 -23.96 -9.03 6.86
CA LEU D 195 -23.32 -9.09 5.54
C LEU D 195 -22.63 -7.78 5.18
N GLN D 196 -23.27 -6.66 5.48
CA GLN D 196 -22.71 -5.34 5.19
C GLN D 196 -21.50 -5.06 6.08
N GLN D 197 -21.60 -5.47 7.33
CA GLN D 197 -20.50 -5.30 8.28
C GLN D 197 -19.30 -6.14 7.85
N GLN D 198 -19.59 -7.29 7.24
CA GLN D 198 -18.54 -8.19 6.79
C GLN D 198 -17.68 -7.57 5.69
N HIS D 199 -18.32 -7.09 4.62
CA HIS D 199 -17.57 -6.54 3.50
C HIS D 199 -16.97 -5.16 3.84
N GLN D 200 -17.60 -4.45 4.77
CA GLN D 200 -17.07 -3.17 5.23
C GLN D 200 -15.79 -3.38 6.04
N ARG D 201 -15.82 -4.37 6.93
CA ARG D 201 -14.66 -4.68 7.75
C ARG D 201 -13.54 -5.29 6.90
N LEU D 202 -13.92 -6.05 5.88
CA LEU D 202 -12.96 -6.64 4.96
C LEU D 202 -12.20 -5.54 4.23
N ALA D 203 -12.93 -4.55 3.75
CA ALA D 203 -12.33 -3.42 3.04
C ALA D 203 -11.44 -2.59 3.97
N GLN D 204 -11.94 -2.33 5.17
CA GLN D 204 -11.19 -1.57 6.17
C GLN D 204 -9.84 -2.23 6.45
N LEU D 205 -9.86 -3.54 6.68
CA LEU D 205 -8.65 -4.28 6.98
C LEU D 205 -7.67 -4.27 5.82
N LEU D 206 -8.17 -4.56 4.62
CA LEU D 206 -7.32 -4.64 3.44
C LEU D 206 -6.72 -3.29 3.06
N LEU D 207 -7.45 -2.21 3.33
CA LEU D 207 -6.95 -0.88 3.05
C LEU D 207 -5.82 -0.50 3.99
N ILE D 208 -5.79 -1.12 5.16
CA ILE D 208 -4.70 -0.93 6.10
C ILE D 208 -3.40 -1.43 5.51
N LEU D 209 -3.51 -2.43 4.63
CA LEU D 209 -2.35 -3.04 4.01
C LEU D 209 -1.60 -2.06 3.10
N SER D 210 -2.32 -1.10 2.53
CA SER D 210 -1.69 -0.09 1.70
C SER D 210 -0.79 0.82 2.53
N HIS D 211 -1.22 1.09 3.76
CA HIS D 211 -0.43 1.92 4.67
C HIS D 211 0.74 1.13 5.24
N ILE D 212 0.54 -0.16 5.49
CA ILE D 212 1.62 -1.03 5.93
C ILE D 212 2.69 -1.11 4.85
N ARG D 213 2.24 -1.15 3.59
CA ARG D 213 3.15 -1.10 2.45
C ARG D 213 3.93 0.21 2.48
N HIS D 214 3.21 1.31 2.72
CA HIS D 214 3.80 2.64 2.76
C HIS D 214 4.88 2.73 3.84
N MET D 215 4.58 2.22 5.02
CA MET D 215 5.51 2.25 6.14
C MET D 215 6.74 1.39 5.85
N SER D 216 6.53 0.24 5.23
CA SER D 216 7.63 -0.65 4.87
C SER D 216 8.60 0.04 3.91
N ASN D 217 8.05 0.67 2.87
CA ASN D 217 8.86 1.39 1.90
C ASN D 217 9.66 2.52 2.54
N LYS D 218 9.00 3.28 3.42
CA LYS D 218 9.66 4.35 4.15
C LYS D 218 10.72 3.78 5.09
N GLY D 219 10.37 2.69 5.77
CA GLY D 219 11.31 2.04 6.67
C GLY D 219 12.51 1.48 5.95
N MET D 220 12.29 1.01 4.72
CA MET D 220 13.37 0.43 3.93
C MET D 220 14.34 1.51 3.47
N GLU D 221 13.82 2.71 3.24
CA GLU D 221 14.64 3.86 2.87
C GLU D 221 15.54 4.28 4.03
N HIS D 222 15.00 4.19 5.24
CA HIS D 222 15.74 4.58 6.44
C HIS D 222 16.76 3.51 6.84
N LEU D 223 16.39 2.25 6.67
CA LEU D 223 17.31 1.16 6.89
C LEU D 223 18.48 1.29 5.93
N TYR D 224 18.16 1.63 4.69
CA TYR D 224 19.20 1.84 3.68
C TYR D 224 20.14 2.97 4.08
N SER D 225 19.57 4.04 4.61
CA SER D 225 20.38 5.15 5.11
C SER D 225 21.32 4.67 6.22
N MET D 226 20.76 3.90 7.16
CA MET D 226 21.54 3.32 8.25
C MET D 226 22.71 2.51 7.71
N LYS D 227 22.46 1.76 6.63
CA LYS D 227 23.50 0.99 5.98
C LYS D 227 24.64 1.88 5.53
N CYS D 228 24.31 2.93 4.79
CA CYS D 228 25.30 3.86 4.26
C CYS D 228 26.09 4.55 5.37
N LYS D 229 25.39 5.01 6.40
CA LYS D 229 26.04 5.62 7.55
C LYS D 229 27.02 4.62 8.16
N ASN D 230 26.79 3.34 7.88
CA ASN D 230 27.68 2.27 8.27
C ASN D 230 27.94 2.15 9.77
N VAL D 231 27.45 3.11 10.55
CA VAL D 231 27.41 2.96 12.00
C VAL D 231 26.17 2.16 12.36
N VAL D 232 26.34 1.19 13.25
CA VAL D 232 25.34 0.15 13.44
C VAL D 232 25.55 -0.91 12.38
N PRO D 233 26.41 -1.89 12.65
CA PRO D 233 26.63 -2.96 11.66
C PRO D 233 25.35 -3.73 11.41
N LEU D 234 25.23 -4.31 10.22
CA LEU D 234 24.05 -5.08 9.87
C LEU D 234 24.43 -6.51 9.49
N SER D 235 23.62 -7.47 9.91
CA SER D 235 23.85 -8.86 9.59
C SER D 235 23.82 -9.06 8.08
N ASP D 236 24.45 -10.12 7.61
CA ASP D 236 24.45 -10.44 6.18
C ASP D 236 23.02 -10.61 5.68
N LEU D 237 22.19 -11.28 6.49
CA LEU D 237 20.79 -11.52 6.12
C LEU D 237 20.02 -10.22 5.94
N LEU D 238 20.21 -9.28 6.85
CA LEU D 238 19.54 -7.99 6.77
C LEU D 238 19.97 -7.21 5.54
N LEU D 239 21.26 -7.26 5.23
CA LEU D 239 21.80 -6.54 4.09
C LEU D 239 21.33 -7.15 2.77
N GLU D 240 21.12 -8.47 2.77
CA GLU D 240 20.61 -9.15 1.59
C GLU D 240 19.11 -8.88 1.42
N MET D 241 18.39 -8.81 2.53
CA MET D 241 16.97 -8.48 2.50
C MET D 241 16.78 -7.04 2.03
N LEU D 242 17.69 -6.17 2.46
CA LEU D 242 17.68 -4.77 2.06
C LEU D 242 18.15 -4.62 0.61
N ASP D 243 19.15 -5.40 0.23
CA ASP D 243 19.65 -5.39 -1.13
C ASP D 243 18.55 -5.70 -2.13
N ALA D 244 17.72 -6.67 -1.81
CA ALA D 244 16.63 -7.08 -2.69
C ALA D 244 15.75 -5.90 -3.08
N HIS D 245 15.69 -4.90 -2.22
CA HIS D 245 14.84 -3.73 -2.45
C HIS D 245 15.53 -2.65 -3.29
N ARG D 246 16.85 -2.70 -3.35
CA ARG D 246 17.61 -1.71 -4.12
C ARG D 246 17.95 -2.21 -5.51
CAA KN3 E . 7.02 11.20 -12.32
CAB KN3 E . 5.85 12.02 -12.71
CAC KN3 E . 4.73 11.40 -13.44
CAD KN3 E . 4.78 9.94 -13.78
CAE KN3 E . 5.93 9.13 -13.40
CAF KN3 E . 7.07 9.78 -12.65
CAG KN3 E . 3.83 9.03 -14.50
NAH KN3 E . 4.41 7.74 -14.52
NAI KN3 E . 5.69 7.77 -13.86
CAJ KN3 E . 2.50 9.39 -15.08
CAK KN3 E . 6.58 6.54 -13.71
CAL KN3 E . 7.69 6.39 -14.84
CAM KN3 E . 7.54 5.41 -15.90
CAN KN3 E . 8.35 5.58 -17.22
CAO KN3 E . 6.44 4.28 -15.78
CAP KN3 E . 2.28 10.65 -15.77
CAQ KN3 E . 0.96 10.94 -16.32
CAR KN3 E . -0.14 9.99 -16.18
CAS KN3 E . 0.09 8.72 -15.48
CAT KN3 E . 1.41 8.42 -14.93
OAU KN3 E . 1.64 7.19 -14.24
OAV KN3 E . -1.46 10.29 -16.73
CAW KN3 E . 8.34 8.96 -12.21
FAX KN3 E . 7.93 7.88 -11.41
FAY KN3 E . 9.18 9.78 -11.47
FAZ KN3 E . 9.02 8.48 -13.33
HAA KN3 E . 7.79 11.65 -11.82
HAB KN3 E . 5.81 13.01 -12.48
HAC KN3 E . 3.91 11.96 -13.71
HAK KN3 E . 5.99 5.71 -13.76
HAKA KN3 E . 7.04 6.57 -12.80
HAL KN3 E . 8.36 7.14 -14.96
HAN KN3 E . 8.16 4.79 -17.85
HANA KN3 E . 9.34 5.61 -17.02
HANB KN3 E . 8.07 6.45 -17.68
HAO KN3 E . 6.64 3.68 -14.98
HAOA KN3 E . 6.45 3.72 -16.63
HAOB KN3 E . 5.52 4.71 -15.67
HAP KN3 E . 3.05 11.31 -15.87
HAQ KN3 E . 0.80 11.83 -16.81
HAS KN3 E . -0.68 8.04 -15.37
HOAU KN3 E . 2.17 6.62 -14.78
HOAV KN3 E . -2.11 10.10 -16.08
CAA KN3 F . 11.10 2.10 12.19
CAA KN3 F . 14.85 -1.39 10.27
CAB KN3 F . 10.09 1.38 13.01
CAB KN3 F . 14.78 -2.81 10.70
CAC KN3 F . 10.18 -0.08 13.17
CAC KN3 F . 13.67 -3.26 11.56
CAD KN3 F . 11.28 -0.83 12.50
CAD KN3 F . 12.62 -2.29 11.98
CAE KN3 F . 12.27 -0.13 11.69
CAE KN3 F . 12.68 -0.90 11.56
CAF KN3 F . 12.18 1.36 11.54
CAF KN3 F . 13.83 -0.44 10.69
CAG KN3 F . 11.63 -2.30 12.46
CAG KN3 F . 11.38 -2.43 12.82
NAH KN3 F . 12.81 -2.43 11.66
NAH KN3 F . 10.76 -1.15 12.90
NAI KN3 F . 13.20 -1.12 11.18
NAI KN3 F . 11.53 -0.20 12.12
CAJ KN3 F . 10.95 -3.43 13.13
CAJ KN3 F . 10.87 -3.66 13.49
CAK KN3 F . 14.42 -0.88 10.29
CAK KN3 F . 11.16 1.27 11.97
CAL KN3 F . 15.39 -2.11 10.15
CAL KN3 F . 11.58 2.18 13.21
CAM KN3 F . 16.47 -2.24 11.12
CAM KN3 F . 10.59 3.02 13.86
CAN KN3 F . 16.93 -0.99 11.94
CAN KN3 F . 10.78 3.37 15.37
CAO KN3 F . 16.85 -3.68 11.64
CAO KN3 F . 9.35 3.59 13.08
CAP KN3 F . 9.48 -3.48 13.23
CAP KN3 F . 11.80 -4.59 14.13
CAQ KN3 F . 8.85 -4.62 13.92
CAQ KN3 F . 11.29 -5.81 14.78
CAR KN3 F . 9.66 -5.69 14.48
CAR KN3 F . 9.85 -6.07 14.79
CAS KN3 F . 11.13 -5.64 14.37
CAS KN3 F . 8.92 -5.13 14.16
CAT KN3 F . 11.76 -4.50 13.70
CAT KN3 F . 9.43 -3.92 13.50
OAU KN3 F . 13.19 -4.44 13.60
OAU KN3 F . 8.53 -2.99 12.87
OAV KN3 F . 9.03 -6.82 15.14
OAV KN3 F . 9.33 -7.27 15.44
CAW KN3 F . 13.23 2.14 10.67
CAW KN3 F . 13.92 1.05 10.22
FAX KN3 F . 12.78 3.44 10.44
FAX KN3 F . 12.82 1.36 9.42
FAY KN3 F . 13.40 1.50 9.45
FAY KN3 F . 15.09 1.22 9.47
FAZ KN3 F . 14.45 2.18 11.34
FAZ KN3 F . 13.95 1.90 11.32
HAA KN3 F . 11.04 3.12 12.08
HAA KN3 F . 15.63 -1.08 9.67
HAB KN3 F . 9.34 1.91 13.46
HAB KN3 F . 15.50 -3.47 10.41
HAC KN3 F . 9.48 -0.58 13.74
HAC KN3 F . 13.62 -4.24 11.85
HAK KN3 F . 14.96 -0.12 10.71
HAK KN3 F . 10.14 1.34 11.84
HAKA KN3 F . 14.11 -0.58 9.35
HAKA KN3 F . 11.62 1.64 11.14
HAL KN3 F . 15.07 -2.94 9.67
HAL KN3 F . 12.44 1.96 13.69
HAN KN3 F . 17.48 -0.37 11.35
HAN KN3 F . 10.69 2.51 15.93
HANA KN3 F . 17.50 -1.30 12.74
HANA KN3 F . 10.06 4.03 15.66
HANB KN3 F . 16.11 -0.50 12.30
HANB KN3 F . 11.71 3.78 15.51
HAO KN3 F . 17.30 -4.21 10.88
HAO KN3 F . 8.78 2.80 12.72
HAOA KN3 F . 16.01 -4.16 11.95
HAOA KN3 F . 9.66 4.14 12.30
HAOB KN3 F . 17.50 -3.59 12.43
HAOB KN3 F . 8.77 4.16 13.70
HAP KN3 F . 8.91 -2.74 12.84
HAP KN3 F . 12.81 -4.42 14.12
HAQ KN3 F . 7.83 -4.66 13.98
HAQ KN3 F . 11.92 -6.47 15.23
HAS KN3 F . 11.70 -6.39 14.77
HAS KN3 F . 7.91 -5.31 14.16
HOAU KN3 F . 13.45 -4.63 12.71
HOAU KN3 F . 7.66 -3.23 13.08
HOAV KN3 F . 9.68 -7.34 15.56
HOAV KN3 F . 9.88 -7.50 16.15
#